data_3BVM
#
_entry.id   3BVM
#
_cell.length_a   42.619
_cell.length_b   42.619
_cell.length_c   286.523
_cell.angle_alpha   90.00
_cell.angle_beta   90.00
_cell.angle_gamma   90.00
#
_symmetry.space_group_name_H-M   'P 43 21 2'
#
loop_
_entity.id
_entity.type
_entity.pdbx_description
1 polymer 'Enterotoxin type C-3'
2 non-polymer 'ZINC ION'
3 water water
#
_entity_poly.entity_id   1
_entity_poly.type   'polypeptide(L)'
_entity_poly.pdbx_seq_one_letter_code
;ESQPDPMPDDLHKSSEFTGTMGNMKYLYDDHYVSATKVKSVDKFLAHDLIYNISDKKLKNYDKVKTELLNEDLAKKYKDE
VVDVYGSNYYVNCYFSSKDNKWWPGKTCMYGGITKHEGNHFDNGNLQNVLVRVYENKRNTISFEVQTDKKSVTAQELDIK
ARNFLINKKNLYEFNSSPYETGYIKFIENNGNTFWYDMMPAPGDKFDQSKYLMMYNDNKTVDSKSVKIEVHLTTKNG
;
_entity_poly.pdbx_strand_id   A
#
loop_
_chem_comp.id
_chem_comp.type
_chem_comp.name
_chem_comp.formula
ZN non-polymer 'ZINC ION' 'Zn 2'
#
# COMPACT_ATOMS: atom_id res chain seq x y z
N GLU A 1 -21.88 3.03 4.90
CA GLU A 1 -20.74 2.10 5.05
C GLU A 1 -19.44 2.71 4.46
N SER A 2 -19.62 3.59 3.47
CA SER A 2 -18.53 4.22 2.71
C SER A 2 -17.81 5.41 3.37
N GLN A 3 -16.57 5.63 2.96
CA GLN A 3 -15.79 6.73 3.55
C GLN A 3 -16.25 7.92 2.76
N PRO A 4 -16.62 9.03 3.44
CA PRO A 4 -16.99 10.17 2.65
C PRO A 4 -15.72 10.62 1.89
N ASP A 5 -15.88 11.03 0.63
CA ASP A 5 -14.75 11.57 -0.13
C ASP A 5 -13.99 12.74 0.54
N PRO A 6 -12.75 13.03 0.07
CA PRO A 6 -11.98 14.09 0.72
C PRO A 6 -12.71 15.42 0.78
N MET A 7 -12.79 16.03 1.95
CA MET A 7 -13.16 17.43 1.91
C MET A 7 -11.90 18.29 1.63
N PRO A 8 -12.06 19.56 1.28
CA PRO A 8 -10.86 20.26 0.78
C PRO A 8 -9.72 20.30 1.81
N ASP A 9 -10.05 20.38 3.10
CA ASP A 9 -9.03 20.41 4.11
C ASP A 9 -8.69 19.04 4.68
N ASP A 10 -9.18 17.93 4.13
CA ASP A 10 -8.81 16.60 4.63
C ASP A 10 -7.51 16.18 4.00
N LEU A 11 -7.08 16.89 2.95
CA LEU A 11 -5.92 16.44 2.16
C LEU A 11 -4.64 17.24 2.48
N HIS A 12 -3.63 16.50 2.96
CA HIS A 12 -2.24 16.98 3.06
C HIS A 12 -1.76 17.71 1.80
N LYS A 13 -1.23 18.92 1.97
CA LYS A 13 -0.62 19.65 0.87
C LYS A 13 0.92 19.49 0.87
N SER A 14 1.53 19.12 -0.28
CA SER A 14 3.00 18.95 -0.31
C SER A 14 3.84 20.23 0.02
N SER A 15 3.32 21.44 -0.26
CA SER A 15 3.99 22.71 0.10
C SER A 15 4.01 22.99 1.60
N GLU A 16 3.29 22.17 2.35
CA GLU A 16 3.33 22.25 3.82
C GLU A 16 4.12 21.16 4.45
N PHE A 17 4.81 20.36 3.65
CA PHE A 17 5.75 19.41 4.17
C PHE A 17 7.15 19.85 3.70
N THR A 18 8.00 20.15 4.66
CA THR A 18 9.34 20.70 4.41
C THR A 18 10.43 19.71 4.86
N GLY A 19 10.11 18.41 4.85
CA GLY A 19 11.15 17.40 5.04
C GLY A 19 11.46 16.84 3.67
N THR A 20 12.01 15.62 3.63
CA THR A 20 12.47 15.00 2.38
C THR A 20 11.47 14.06 1.68
N MET A 21 10.85 14.54 0.61
CA MET A 21 9.96 13.73 -0.21
C MET A 21 10.57 12.45 -0.74
N GLY A 22 11.91 12.40 -0.94
CA GLY A 22 12.57 11.12 -1.33
C GLY A 22 12.18 10.11 -0.27
N ASN A 23 11.77 10.59 0.89
CA ASN A 23 11.37 9.72 2.05
C ASN A 23 10.03 9.02 1.88
N MET A 24 9.11 9.69 1.18
CA MET A 24 7.91 9.08 0.63
C MET A 24 8.20 8.27 -0.63
N LYS A 25 9.06 8.81 -1.50
CA LYS A 25 9.39 8.10 -2.77
C LYS A 25 9.91 6.69 -2.53
N TYR A 26 10.75 6.56 -1.50
CA TYR A 26 11.38 5.32 -1.10
C TYR A 26 10.34 4.24 -0.81
N LEU A 27 9.23 4.59 -0.15
CA LEU A 27 8.18 3.59 0.20
C LEU A 27 7.48 2.95 -1.03
N TYR A 28 7.59 3.57 -2.22
CA TYR A 28 6.84 3.09 -3.38
C TYR A 28 7.66 2.82 -4.63
N ASP A 29 8.95 3.18 -4.62
CA ASP A 29 9.73 3.16 -5.84
C ASP A 29 10.46 1.84 -5.86
N ASP A 30 9.90 0.92 -6.65
CA ASP A 30 10.40 -0.42 -6.77
C ASP A 30 10.76 -0.87 -5.37
N HIS A 31 9.75 -0.81 -4.48
CA HIS A 31 9.90 -1.18 -3.10
C HIS A 31 8.69 -2.00 -2.65
N TYR A 32 8.98 -3.21 -2.18
CA TYR A 32 7.96 -4.09 -1.61
C TYR A 32 8.58 -5.35 -1.09
N VAL A 33 7.93 -5.84 -0.01
CA VAL A 33 7.93 -7.24 0.39
C VAL A 33 6.91 -8.08 -0.40
N SER A 34 7.42 -9.22 -0.88
CA SER A 34 6.58 -10.28 -1.44
C SER A 34 7.00 -11.70 -0.98
N ALA A 35 6.04 -12.46 -0.47
CA ALA A 35 6.26 -13.85 -0.07
C ALA A 35 5.02 -14.63 -0.43
N THR A 36 5.17 -15.92 -0.74
CA THR A 36 4.02 -16.74 -1.12
C THR A 36 4.06 -18.05 -0.35
N LYS A 37 2.87 -18.56 0.02
CA LYS A 37 2.76 -19.80 0.75
C LYS A 37 3.63 -19.82 2.02
N VAL A 38 3.53 -18.76 2.81
CA VAL A 38 4.26 -18.69 4.07
C VAL A 38 3.34 -18.79 5.26
N LYS A 39 3.82 -19.40 6.33
CA LYS A 39 3.02 -19.39 7.56
C LYS A 39 3.82 -18.64 8.66
N SER A 40 3.15 -17.88 9.51
CA SER A 40 3.87 -17.15 10.54
C SER A 40 4.64 -18.05 11.53
N VAL A 41 5.76 -17.53 11.99
CA VAL A 41 6.67 -18.28 12.85
C VAL A 41 6.71 -17.69 14.24
N ASP A 42 6.28 -16.44 14.41
CA ASP A 42 6.48 -15.76 15.70
C ASP A 42 5.56 -14.56 15.87
N LYS A 43 5.57 -13.97 17.08
CA LYS A 43 4.83 -12.74 17.38
C LYS A 43 5.63 -11.80 18.30
N PHE A 44 5.48 -10.51 18.08
CA PHE A 44 6.02 -9.57 19.01
C PHE A 44 4.91 -9.04 19.91
N LEU A 45 4.20 -7.98 19.49
CA LEU A 45 2.93 -7.50 20.11
C LEU A 45 1.73 -8.34 19.70
N ALA A 46 0.61 -8.13 20.37
CA ALA A 46 -0.57 -8.99 20.18
C ALA A 46 -1.19 -8.85 18.79
N HIS A 47 -1.01 -7.71 18.16
CA HIS A 47 -1.64 -7.45 16.90
C HIS A 47 -0.70 -7.64 15.69
N ASP A 48 0.47 -8.26 15.90
CA ASP A 48 1.41 -8.52 14.78
C ASP A 48 1.79 -9.98 14.49
N LEU A 49 2.39 -10.21 13.35
CA LEU A 49 2.87 -11.56 12.99
C LEU A 49 4.21 -11.42 12.28
N ILE A 50 5.09 -12.38 12.53
CA ILE A 50 6.48 -12.37 12.02
C ILE A 50 6.62 -13.60 11.13
N TYR A 51 7.20 -13.44 9.93
CA TYR A 51 7.39 -14.50 8.93
C TYR A 51 8.88 -14.54 8.53
N ASN A 52 9.40 -15.74 8.37
CA ASN A 52 10.66 -15.90 7.64
C ASN A 52 10.55 -15.62 6.14
N ILE A 53 10.71 -14.34 5.78
CA ILE A 53 10.72 -13.86 4.40
C ILE A 53 12.05 -13.12 4.19
N SER A 54 12.82 -13.57 3.20
CA SER A 54 14.04 -12.87 2.74
C SER A 54 13.76 -12.01 1.50
N ASP A 55 14.42 -10.86 1.40
CA ASP A 55 14.49 -10.19 0.13
C ASP A 55 15.59 -10.88 -0.67
N LYS A 56 15.20 -11.45 -1.81
CA LYS A 56 16.16 -12.13 -2.69
C LYS A 56 17.12 -11.10 -3.32
N LYS A 57 16.58 -9.91 -3.63
CA LYS A 57 17.34 -8.70 -4.10
C LYS A 57 18.58 -8.34 -3.27
N LEU A 58 18.54 -7.17 -2.63
CA LEU A 58 19.77 -6.53 -2.10
C LEU A 58 20.20 -7.07 -0.71
N LYS A 59 19.56 -8.15 -0.24
CA LYS A 59 19.70 -8.95 0.98
C LYS A 59 19.77 -8.06 2.21
N ASN A 60 18.60 -7.51 2.63
CA ASN A 60 18.50 -6.60 3.77
C ASN A 60 17.82 -7.18 5.03
N TYR A 61 17.09 -8.28 4.86
CA TYR A 61 16.30 -8.94 5.91
C TYR A 61 16.02 -10.44 5.63
N ASP A 62 15.86 -11.24 6.66
CA ASP A 62 15.33 -12.63 6.53
C ASP A 62 14.07 -12.86 7.50
N LYS A 63 13.53 -11.76 8.00
CA LYS A 63 12.32 -11.74 8.86
C LYS A 63 11.49 -10.46 8.65
N VAL A 64 10.24 -10.64 8.28
CA VAL A 64 9.30 -9.55 8.15
C VAL A 64 8.29 -9.67 9.28
N LYS A 65 8.20 -8.61 10.07
CA LYS A 65 7.04 -8.40 10.96
C LYS A 65 5.93 -7.57 10.31
N THR A 66 4.73 -8.15 10.28
CA THR A 66 3.60 -7.37 9.87
C THR A 66 2.57 -7.03 11.00
N GLU A 67 2.22 -5.76 11.05
CA GLU A 67 1.33 -5.26 12.08
C GLU A 67 -0.06 -5.09 11.52
N LEU A 68 -1.02 -5.66 12.26
CA LEU A 68 -2.40 -5.51 11.90
C LEU A 68 -3.15 -4.57 12.88
N LEU A 69 -4.33 -4.17 12.42
CA LEU A 69 -5.26 -3.28 13.16
C LEU A 69 -5.55 -3.77 14.58
N ASN A 70 -5.70 -5.09 14.73
CA ASN A 70 -5.96 -5.71 16.05
C ASN A 70 -5.55 -7.14 16.22
N GLU A 71 -5.76 -7.61 17.44
CA GLU A 71 -5.47 -8.98 17.88
C GLU A 71 -6.28 -10.03 17.12
N ASP A 72 -7.53 -9.71 16.74
CA ASP A 72 -8.39 -10.70 16.03
C ASP A 72 -7.89 -11.06 14.62
N LEU A 73 -7.57 -10.02 13.85
CA LEU A 73 -6.87 -10.16 12.57
C LEU A 73 -5.58 -11.01 12.72
N ALA A 74 -4.74 -10.67 13.70
CA ALA A 74 -3.54 -11.44 13.95
C ALA A 74 -3.87 -12.91 14.22
N LYS A 75 -4.77 -13.17 15.17
CA LYS A 75 -5.20 -14.57 15.50
C LYS A 75 -5.69 -15.38 14.30
N LYS A 76 -6.51 -14.71 13.49
CA LYS A 76 -7.11 -15.23 12.28
C LYS A 76 -6.10 -15.74 11.26
N TYR A 77 -5.05 -14.95 10.97
CA TYR A 77 -4.08 -15.44 10.00
C TYR A 77 -2.90 -16.20 10.61
N LYS A 78 -2.85 -16.29 11.94
CA LYS A 78 -1.66 -16.84 12.58
C LYS A 78 -1.24 -18.17 11.96
N ASP A 79 -2.16 -19.14 11.89
CA ASP A 79 -1.74 -20.49 11.41
C ASP A 79 -2.17 -20.77 10.00
N GLU A 80 -2.49 -19.71 9.25
CA GLU A 80 -2.83 -19.83 7.87
C GLU A 80 -1.66 -19.79 6.90
N VAL A 81 -1.77 -20.52 5.79
CA VAL A 81 -0.86 -20.42 4.64
C VAL A 81 -1.33 -19.25 3.79
N VAL A 82 -0.46 -18.24 3.64
CA VAL A 82 -0.76 -16.89 3.20
C VAL A 82 0.26 -16.38 2.14
N ASP A 83 -0.16 -15.48 1.28
CA ASP A 83 0.76 -14.64 0.53
C ASP A 83 0.84 -13.24 1.21
N VAL A 84 2.03 -12.65 1.20
CA VAL A 84 2.23 -11.34 1.79
C VAL A 84 2.56 -10.39 0.63
N TYR A 85 1.94 -9.21 0.63
CA TYR A 85 2.39 -8.13 -0.24
C TYR A 85 2.29 -6.81 0.51
N GLY A 86 3.39 -6.05 0.58
CA GLY A 86 3.33 -4.76 1.24
C GLY A 86 4.58 -3.91 1.14
N SER A 87 4.50 -2.70 1.68
CA SER A 87 5.60 -1.71 1.71
C SER A 87 6.24 -1.73 3.07
N ASN A 88 7.53 -2.09 3.07
CA ASN A 88 8.31 -2.20 4.31
C ASN A 88 9.05 -0.94 4.71
N TYR A 89 9.33 -0.77 5.99
CA TYR A 89 10.21 0.31 6.48
C TYR A 89 11.27 -0.24 7.52
N TYR A 90 12.28 0.56 7.86
CA TYR A 90 13.35 0.13 8.79
C TYR A 90 13.44 1.08 9.96
N VAL A 91 13.02 2.32 9.79
CA VAL A 91 13.09 3.29 10.90
C VAL A 91 11.98 3.08 11.92
N ASN A 92 12.39 3.02 13.19
CA ASN A 92 11.54 2.69 14.34
C ASN A 92 10.86 1.35 14.15
N CYS A 93 11.45 0.51 13.30
CA CYS A 93 11.05 -0.90 13.18
C CYS A 93 11.78 -1.62 14.27
N TYR A 94 11.07 -2.01 15.31
CA TYR A 94 11.73 -2.75 16.37
C TYR A 94 10.96 -4.04 16.60
N PHE A 95 11.69 -5.15 16.61
CA PHE A 95 11.16 -6.32 17.27
C PHE A 95 12.17 -7.26 17.88
N GLY A 105 19.13 -7.81 9.94
CA GLY A 105 18.39 -8.76 9.10
C GLY A 105 16.86 -8.75 9.24
N LYS A 106 16.31 -7.63 9.70
CA LYS A 106 14.85 -7.56 9.90
C LYS A 106 14.18 -6.28 9.36
N THR A 107 12.93 -6.40 8.94
CA THR A 107 12.19 -5.26 8.37
C THR A 107 10.71 -5.30 8.84
N CYS A 108 10.02 -4.17 8.74
CA CYS A 108 8.64 -4.10 9.29
C CYS A 108 7.65 -3.74 8.23
N MET A 109 6.37 -4.00 8.49
CA MET A 109 5.31 -3.55 7.57
C MET A 109 3.89 -3.56 8.22
N TYR A 110 2.85 -3.33 7.44
CA TYR A 110 1.48 -3.35 7.97
C TYR A 110 0.60 -4.11 7.00
N GLY A 111 -0.39 -4.83 7.53
CA GLY A 111 -1.34 -5.58 6.70
C GLY A 111 -0.63 -6.45 5.67
N GLY A 112 -1.00 -6.27 4.41
CA GLY A 112 -0.46 -7.08 3.28
C GLY A 112 -0.86 -8.52 3.17
N ILE A 113 -1.77 -8.97 4.04
CA ILE A 113 -2.02 -10.42 4.22
C ILE A 113 -3.33 -10.95 3.53
N THR A 114 -3.19 -12.03 2.75
CA THR A 114 -4.31 -12.77 2.13
C THR A 114 -4.04 -14.31 2.13
N LYS A 115 -5.06 -15.13 2.42
CA LYS A 115 -4.89 -16.58 2.47
C LYS A 115 -4.58 -17.06 1.03
N HIS A 116 -3.79 -18.11 0.96
CA HIS A 116 -3.31 -18.61 -0.32
C HIS A 116 -4.29 -19.54 -1.01
N GLU A 117 -4.81 -20.50 -0.22
CA GLU A 117 -5.78 -21.53 -0.71
C GLU A 117 -6.98 -20.80 -1.26
N GLY A 118 -7.20 -20.95 -2.56
CA GLY A 118 -8.45 -20.54 -3.17
C GLY A 118 -8.47 -19.14 -3.76
N ASN A 119 -7.31 -18.49 -3.78
CA ASN A 119 -7.26 -17.06 -4.03
C ASN A 119 -6.65 -16.66 -5.32
N HIS A 120 -6.57 -17.59 -6.25
CA HIS A 120 -5.92 -17.38 -7.52
C HIS A 120 -6.80 -17.69 -8.72
N PHE A 121 -6.54 -16.98 -9.81
CA PHE A 121 -7.26 -17.22 -11.07
C PHE A 121 -6.89 -18.60 -11.67
N ASP A 122 -7.59 -18.99 -12.74
CA ASP A 122 -7.71 -20.41 -13.07
C ASP A 122 -6.76 -20.95 -14.08
N ASN A 123 -6.45 -20.20 -15.13
CA ASN A 123 -5.37 -20.67 -16.01
C ASN A 123 -4.02 -20.05 -15.67
N GLY A 124 -3.86 -19.76 -14.36
CA GLY A 124 -2.73 -19.02 -13.86
C GLY A 124 -2.68 -17.65 -14.51
N ASN A 125 -3.87 -17.06 -14.70
CA ASN A 125 -3.91 -15.79 -15.39
C ASN A 125 -3.63 -14.62 -14.43
N LEU A 126 -3.23 -13.48 -14.99
CA LEU A 126 -3.10 -12.29 -14.20
C LEU A 126 -4.30 -11.43 -14.47
N GLN A 127 -4.87 -10.82 -13.43
CA GLN A 127 -5.98 -9.87 -13.61
C GLN A 127 -5.48 -8.42 -13.71
N ASN A 128 -5.99 -7.67 -14.68
CA ASN A 128 -5.70 -6.26 -14.83
C ASN A 128 -6.70 -5.42 -14.10
N VAL A 129 -6.21 -4.42 -13.37
CA VAL A 129 -7.08 -3.53 -12.65
C VAL A 129 -6.79 -2.17 -13.25
N LEU A 130 -7.82 -1.46 -13.62
CA LEU A 130 -7.59 -0.16 -14.29
C LEU A 130 -7.45 1.04 -13.31
N VAL A 131 -6.38 1.82 -13.44
CA VAL A 131 -6.22 3.06 -12.69
C VAL A 131 -6.43 4.27 -13.58
N ARG A 132 -7.37 5.15 -13.17
CA ARG A 132 -7.68 6.34 -13.98
C ARG A 132 -7.14 7.58 -13.25
N VAL A 133 -6.26 8.32 -13.91
CA VAL A 133 -5.60 9.40 -13.20
C VAL A 133 -6.20 10.76 -13.56
N TYR A 134 -6.49 11.55 -12.53
CA TYR A 134 -7.20 12.82 -12.64
C TYR A 134 -6.29 13.89 -12.12
N GLU A 135 -5.96 14.82 -12.99
CA GLU A 135 -5.05 15.91 -12.66
C GLU A 135 -5.82 17.17 -12.89
N ASN A 136 -6.00 17.95 -11.81
CA ASN A 136 -6.88 19.11 -11.82
C ASN A 136 -8.22 18.78 -12.47
N LYS A 137 -8.82 17.67 -12.02
CA LYS A 137 -10.16 17.23 -12.44
C LYS A 137 -10.29 16.80 -13.91
N ARG A 138 -9.18 16.48 -14.57
CA ARG A 138 -9.26 15.93 -15.94
C ARG A 138 -8.59 14.57 -15.99
N ASN A 139 -9.20 13.62 -16.68
CA ASN A 139 -8.63 12.30 -16.88
C ASN A 139 -7.61 12.37 -17.99
N THR A 140 -6.36 12.48 -17.61
CA THR A 140 -5.27 12.65 -18.57
C THR A 140 -4.63 11.33 -18.94
N ILE A 141 -4.38 10.46 -17.96
CA ILE A 141 -3.81 9.17 -18.32
C ILE A 141 -4.50 8.07 -17.57
N SER A 142 -4.61 6.92 -18.20
CA SER A 142 -5.13 5.75 -17.52
C SER A 142 -4.21 4.56 -17.79
N PHE A 143 -4.09 3.68 -16.81
CA PHE A 143 -3.16 2.56 -16.88
C PHE A 143 -3.67 1.38 -16.08
N GLU A 144 -3.16 0.20 -16.44
CA GLU A 144 -3.49 -1.00 -15.75
C GLU A 144 -2.36 -1.50 -14.84
N VAL A 145 -2.75 -2.01 -13.67
CA VAL A 145 -1.85 -2.77 -12.83
C VAL A 145 -2.39 -4.16 -12.74
N GLN A 146 -1.53 -5.11 -12.34
CA GLN A 146 -1.81 -6.57 -12.41
C GLN A 146 -1.63 -7.24 -11.08
N THR A 147 -2.51 -8.19 -10.79
CA THR A 147 -2.33 -9.15 -9.66
C THR A 147 -2.91 -10.50 -10.01
N ASP A 148 -2.41 -11.48 -9.30
CA ASP A 148 -2.85 -12.80 -9.53
C ASP A 148 -3.78 -13.31 -8.47
N LYS A 149 -4.21 -12.41 -7.59
CA LYS A 149 -5.04 -12.71 -6.48
C LYS A 149 -6.40 -12.25 -6.82
N LYS A 150 -7.37 -13.09 -6.47
CA LYS A 150 -8.79 -12.77 -6.56
C LYS A 150 -9.19 -11.70 -5.52
N SER A 151 -8.87 -11.99 -4.28
CA SER A 151 -9.00 -10.97 -3.21
C SER A 151 -7.55 -10.43 -2.96
N VAL A 152 -7.34 -9.20 -3.40
CA VAL A 152 -6.04 -8.56 -3.32
C VAL A 152 -6.12 -7.40 -2.28
N THR A 153 -5.05 -7.16 -1.54
CA THR A 153 -5.09 -6.03 -0.56
C THR A 153 -5.15 -4.73 -1.42
N ALA A 154 -5.75 -3.69 -0.86
CA ALA A 154 -5.76 -2.38 -1.54
C ALA A 154 -4.30 -1.77 -1.51
N GLN A 155 -3.53 -2.15 -0.48
CA GLN A 155 -2.11 -1.86 -0.34
C GLN A 155 -1.32 -2.33 -1.53
N GLU A 156 -1.47 -3.61 -1.85
CA GLU A 156 -0.82 -4.14 -3.06
C GLU A 156 -1.03 -3.24 -4.28
N LEU A 157 -2.30 -3.09 -4.72
CA LEU A 157 -2.70 -2.22 -5.87
C LEU A 157 -2.25 -0.74 -5.82
N ASP A 158 -2.37 -0.13 -4.65
CA ASP A 158 -1.88 1.19 -4.39
C ASP A 158 -0.33 1.26 -4.61
N ILE A 159 0.43 0.31 -4.02
CA ILE A 159 1.88 0.20 -4.26
C ILE A 159 2.23 0.19 -5.78
N LYS A 160 1.65 -0.76 -6.50
CA LYS A 160 1.84 -0.88 -7.94
C LYS A 160 1.46 0.37 -8.71
N ALA A 161 0.37 1.03 -8.33
CA ALA A 161 -0.04 2.30 -8.97
C ALA A 161 0.86 3.48 -8.61
N ARG A 162 1.34 3.55 -7.38
CA ARG A 162 2.34 4.59 -7.09
C ARG A 162 3.71 4.34 -7.71
N ASN A 163 4.19 3.09 -7.67
CA ASN A 163 5.39 2.76 -8.43
C ASN A 163 5.33 3.29 -9.88
N PHE A 164 4.23 3.00 -10.57
CA PHE A 164 4.11 3.40 -11.97
C PHE A 164 4.06 4.95 -12.05
N LEU A 165 3.41 5.59 -11.09
CA LEU A 165 3.26 7.02 -11.16
C LEU A 165 4.56 7.79 -10.83
N ILE A 166 5.38 7.25 -9.93
CA ILE A 166 6.73 7.77 -9.68
C ILE A 166 7.56 7.80 -10.98
N ASN A 167 7.50 6.74 -11.78
CA ASN A 167 8.19 6.66 -13.08
C ASN A 167 7.62 7.55 -14.19
N LYS A 168 6.31 7.49 -14.40
CA LYS A 168 5.68 8.17 -15.51
C LYS A 168 5.48 9.64 -15.21
N LYS A 169 5.31 10.00 -13.95
CA LYS A 169 4.70 11.28 -13.68
C LYS A 169 5.48 11.98 -12.62
N ASN A 170 6.56 11.35 -12.16
CA ASN A 170 7.37 11.98 -11.12
C ASN A 170 6.56 12.33 -9.88
N LEU A 171 5.51 11.53 -9.62
CA LEU A 171 4.63 11.71 -8.50
C LEU A 171 5.33 12.24 -7.26
N TYR A 172 6.45 11.59 -6.90
CA TYR A 172 7.31 11.91 -5.75
C TYR A 172 8.72 12.09 -6.29
N GLU A 173 9.42 13.12 -5.79
CA GLU A 173 10.85 13.30 -6.17
C GLU A 173 11.67 13.46 -4.90
N PHE A 174 12.98 13.58 -5.03
CA PHE A 174 13.74 13.65 -3.80
C PHE A 174 13.31 14.81 -2.89
N ASN A 175 13.25 15.99 -3.47
CA ASN A 175 13.04 17.19 -2.71
C ASN A 175 11.52 17.49 -2.63
N SER A 176 10.81 17.28 -3.73
CA SER A 176 9.44 17.71 -3.79
C SER A 176 8.54 16.72 -4.55
N SER A 177 7.29 17.16 -4.78
CA SER A 177 6.43 16.51 -5.71
C SER A 177 5.93 17.64 -6.65
N PRO A 178 5.74 17.35 -7.98
CA PRO A 178 5.10 18.44 -8.75
C PRO A 178 3.60 18.61 -8.40
N TYR A 179 3.10 17.86 -7.41
CA TYR A 179 1.67 17.93 -7.02
C TYR A 179 1.48 18.49 -5.63
N GLU A 180 0.40 19.24 -5.48
CA GLU A 180 -0.01 19.77 -4.19
C GLU A 180 -0.73 18.68 -3.37
N THR A 181 -1.82 18.15 -3.91
CA THR A 181 -2.60 17.13 -3.21
C THR A 181 -2.66 15.89 -4.10
N GLY A 182 -2.87 14.77 -3.41
CA GLY A 182 -3.17 13.49 -4.03
C GLY A 182 -4.01 12.57 -3.14
N TYR A 183 -5.00 11.89 -3.76
CA TYR A 183 -5.61 10.75 -3.08
C TYR A 183 -5.97 9.62 -4.07
N ILE A 184 -5.81 8.39 -3.61
CA ILE A 184 -6.17 7.21 -4.34
C ILE A 184 -7.51 6.70 -3.74
N LYS A 185 -8.49 6.43 -4.61
CA LYS A 185 -9.83 6.05 -4.18
C LYS A 185 -10.23 4.66 -4.73
N PHE A 186 -10.69 3.78 -3.84
CA PHE A 186 -11.12 2.43 -4.25
C PHE A 186 -12.67 2.41 -4.28
N ILE A 187 -13.22 1.95 -5.39
CA ILE A 187 -14.67 1.80 -5.56
C ILE A 187 -14.92 0.35 -5.77
N GLU A 188 -15.49 -0.31 -4.77
CA GLU A 188 -15.87 -1.72 -4.85
C GLU A 188 -17.23 -1.93 -5.54
N ASN A 189 -17.45 -3.15 -6.04
CA ASN A 189 -18.66 -3.43 -6.82
C ASN A 189 -19.96 -3.58 -5.98
N ASN A 190 -19.85 -3.36 -4.67
CA ASN A 190 -21.00 -3.25 -3.81
C ASN A 190 -21.25 -1.78 -3.46
N GLY A 191 -20.66 -0.84 -4.23
CA GLY A 191 -20.78 0.55 -3.92
C GLY A 191 -19.84 1.16 -2.87
N ASN A 192 -19.18 0.34 -2.04
CA ASN A 192 -18.33 0.86 -1.00
C ASN A 192 -17.12 1.56 -1.64
N THR A 193 -16.84 2.81 -1.20
CA THR A 193 -15.62 3.52 -1.53
C THR A 193 -14.79 3.83 -0.28
N PHE A 194 -13.47 3.84 -0.50
CA PHE A 194 -12.54 4.40 0.47
C PHE A 194 -11.34 5.02 -0.33
N TRP A 195 -10.51 5.79 0.39
CA TRP A 195 -9.39 6.56 -0.18
C TRP A 195 -8.21 6.75 0.80
N TYR A 196 -6.99 6.74 0.24
CA TYR A 196 -5.78 7.10 0.99
C TYR A 196 -5.19 8.45 0.59
N ASP A 197 -4.69 9.22 1.57
CA ASP A 197 -3.97 10.45 1.27
C ASP A 197 -2.58 10.10 0.80
N MET A 198 -2.22 10.65 -0.37
CA MET A 198 -0.95 10.36 -1.01
C MET A 198 0.22 11.20 -0.51
N MET A 199 -0.09 12.31 0.18
CA MET A 199 0.92 13.28 0.61
C MET A 199 1.24 13.13 2.11
N PRO A 200 2.49 13.41 2.49
CA PRO A 200 2.81 13.27 3.90
C PRO A 200 2.17 14.37 4.77
N ALA A 201 2.05 14.10 6.06
CA ALA A 201 1.58 15.11 7.00
C ALA A 201 2.49 16.38 7.00
N PRO A 202 1.91 17.58 7.29
CA PRO A 202 2.62 18.86 7.38
C PRO A 202 3.85 18.81 8.28
N GLY A 203 4.89 19.58 7.94
CA GLY A 203 6.09 19.63 8.80
C GLY A 203 7.40 19.15 8.22
N ASP A 204 8.42 19.08 9.09
CA ASP A 204 9.78 18.85 8.65
C ASP A 204 10.29 17.42 8.81
N LYS A 205 9.50 16.54 9.40
CA LYS A 205 9.93 15.13 9.48
C LYS A 205 8.84 14.16 8.97
N PHE A 206 9.21 13.24 8.05
CA PHE A 206 8.33 12.13 7.61
C PHE A 206 8.57 10.88 8.46
N ASP A 207 7.47 10.34 9.00
CA ASP A 207 7.49 9.11 9.79
C ASP A 207 6.82 8.01 8.98
N GLN A 208 7.67 7.19 8.37
CA GLN A 208 7.24 6.14 7.48
C GLN A 208 6.31 5.20 8.19
N SER A 209 6.72 4.76 9.38
CA SER A 209 5.94 3.81 10.15
C SER A 209 4.52 4.30 10.38
N LYS A 210 4.39 5.54 10.79
CA LYS A 210 3.12 6.15 11.05
C LYS A 210 2.30 6.32 9.75
N TYR A 211 2.93 6.80 8.69
CA TYR A 211 2.30 6.87 7.36
C TYR A 211 1.71 5.52 6.92
N LEU A 212 2.51 4.46 7.04
CA LEU A 212 2.17 3.16 6.45
C LEU A 212 1.07 2.46 7.23
N MET A 213 0.77 3.06 8.38
CA MET A 213 0.02 2.36 9.40
C MET A 213 -1.44 2.29 8.99
N MET A 214 -1.84 3.19 8.10
CA MET A 214 -3.13 3.18 7.42
C MET A 214 -3.47 1.78 6.75
N TYR A 215 -2.46 1.09 6.24
CA TYR A 215 -2.64 -0.23 5.70
C TYR A 215 -2.90 -1.31 6.75
N ASN A 216 -2.96 -0.93 8.06
CA ASN A 216 -3.28 -1.75 9.30
C ASN A 216 -4.39 -2.77 9.18
N ASP A 217 -5.46 -2.29 8.56
CA ASP A 217 -6.78 -2.91 8.57
C ASP A 217 -6.85 -4.11 7.58
N ASN A 218 -5.76 -4.25 6.83
CA ASN A 218 -5.64 -5.36 5.87
C ASN A 218 -6.78 -5.43 4.85
N LYS A 219 -7.30 -4.25 4.45
CA LYS A 219 -8.40 -4.13 3.52
C LYS A 219 -8.12 -4.87 2.18
N THR A 220 -9.03 -5.72 1.77
CA THR A 220 -8.90 -6.37 0.48
C THR A 220 -10.10 -6.00 -0.39
N VAL A 221 -9.90 -6.13 -1.70
CA VAL A 221 -10.93 -5.84 -2.63
C VAL A 221 -10.97 -6.97 -3.67
N ASP A 222 -12.10 -7.03 -4.41
CA ASP A 222 -12.18 -7.89 -5.56
C ASP A 222 -11.50 -7.33 -6.76
N SER A 223 -10.40 -8.00 -7.08
CA SER A 223 -9.49 -7.52 -8.12
C SER A 223 -10.18 -7.42 -9.51
N LYS A 224 -11.07 -8.37 -9.76
CA LYS A 224 -11.79 -8.47 -11.04
C LYS A 224 -12.85 -7.37 -11.28
N SER A 225 -13.47 -6.86 -10.21
CA SER A 225 -14.48 -5.78 -10.35
C SER A 225 -14.12 -4.44 -9.67
N VAL A 226 -13.06 -4.39 -8.87
CA VAL A 226 -12.71 -3.09 -8.20
C VAL A 226 -12.38 -1.95 -9.21
N LYS A 227 -12.63 -0.69 -8.86
CA LYS A 227 -12.20 0.45 -9.70
C LYS A 227 -11.26 1.35 -8.87
N ILE A 228 -10.15 1.81 -9.45
CA ILE A 228 -9.22 2.70 -8.74
C ILE A 228 -9.20 4.08 -9.44
N GLU A 229 -9.23 5.17 -8.66
CA GLU A 229 -9.08 6.51 -9.24
C GLU A 229 -7.97 7.23 -8.51
N VAL A 230 -7.09 7.89 -9.26
CA VAL A 230 -6.00 8.67 -8.62
C VAL A 230 -6.25 10.16 -8.81
N HIS A 231 -6.48 10.89 -7.73
CA HIS A 231 -6.89 12.26 -7.92
C HIS A 231 -5.79 13.28 -7.51
N LEU A 232 -5.20 13.89 -8.50
CA LEU A 232 -4.08 14.81 -8.18
C LEU A 232 -4.35 16.25 -8.59
N THR A 233 -3.66 17.17 -7.92
CA THR A 233 -3.84 18.62 -8.14
C THR A 233 -2.40 19.21 -8.24
N THR A 234 -2.13 20.11 -9.19
CA THR A 234 -0.72 20.59 -9.41
C THR A 234 -0.40 21.88 -8.68
N LYS A 235 0.90 22.11 -8.43
CA LYS A 235 1.41 23.35 -7.80
C LYS A 235 1.30 24.63 -8.66
ZN ZN B . -0.83 -17.76 -3.42
#